data_5DY2
#
_entry.id   5DY2
#
_cell.length_a   52.620
_cell.length_b   81.020
_cell.length_c   86.530
_cell.angle_alpha   90.000
_cell.angle_beta   90.000
_cell.angle_gamma   90.000
#
_symmetry.space_group_name_H-M   'P 21 21 21'
#
loop_
_entity.id
_entity.type
_entity.pdbx_description
1 polymer 'Artemisinic aldehyde Delta(11(13)) reductase'
2 non-polymer 'FLAVIN MONONUCLEOTIDE'
3 non-polymer '1,6-DIHYDROXY NAPHTHALENE'
4 water water
#
_entity_poly.entity_id   1
_entity_poly.type   'polypeptide(L)'
_entity_poly.pdbx_seq_one_letter_code
;MSEKPTLFSAYKMGKFNLSHRVVLAPLTRCRAINAIPNEALVEYYRQRSTAGGFLITEGTMISPSSAGFPHVPGIFTKEQ
VEGWKKVVDAAHKEGAVIFCQLWHVGRASHQVYQPGGAAPISSTSKPISKKWEILLPDATYGTYPEPRPLAANEILEVVE
DYRVAAINAIEAGFDGIEIHGAHGYLLDQFMKDGINDRTDEYGGSLENRCKFILQVVQAVSAAIGTDRVGIRISPAIDHT
DAMDSDPRSLGLAVIERLNKLQFKLGSRLAYLHVTQPRYTADGHGQTEAGANGSEEEVAQLMKTWRGAYVGTFICCGGYT
RELGLQAVAQGDADLVAFGRYFVSNPDLVLRLKLNAPLNRYDRATFYTHDPVVGYTDYPSLDKGSLL
;
_entity_poly.pdbx_strand_id   A
#
loop_
_chem_comp.id
_chem_comp.type
_chem_comp.name
_chem_comp.formula
DIN non-polymer '1,6-DIHYDROXY NAPHTHALENE' 'C10 H8 O2'
FMN non-polymer 'FLAVIN MONONUCLEOTIDE' 'C17 H21 N4 O9 P'
#
# COMPACT_ATOMS: atom_id res chain seq x y z
N LYS A 4 -14.62 -12.70 -21.63
CA LYS A 4 -14.57 -11.47 -20.85
C LYS A 4 -14.07 -11.73 -19.44
N PRO A 5 -13.23 -10.82 -18.92
CA PRO A 5 -12.65 -10.98 -17.58
C PRO A 5 -13.71 -10.93 -16.48
N THR A 6 -13.57 -11.79 -15.48
CA THR A 6 -14.34 -11.65 -14.24
C THR A 6 -13.37 -11.60 -13.07
N LEU A 7 -13.91 -11.30 -11.89
CA LEU A 7 -13.12 -11.22 -10.67
C LEU A 7 -12.36 -12.50 -10.38
N PHE A 8 -12.85 -13.62 -10.90
CA PHE A 8 -12.21 -14.90 -10.62
C PHE A 8 -11.50 -15.49 -11.84
N SER A 9 -11.24 -14.64 -12.83
CA SER A 9 -10.50 -15.05 -14.03
C SER A 9 -9.00 -14.90 -13.88
N ALA A 10 -8.25 -15.70 -14.63
CA ALA A 10 -6.79 -15.58 -14.64
C ALA A 10 -6.36 -14.22 -15.21
N TYR A 11 -5.13 -13.82 -14.87
CA TYR A 11 -4.60 -12.55 -15.34
C TYR A 11 -3.10 -12.60 -15.40
N LYS A 12 -2.53 -12.03 -16.46
CA LYS A 12 -1.09 -11.92 -16.58
C LYS A 12 -0.68 -10.52 -16.15
N MET A 13 -0.09 -10.42 -14.96
CA MET A 13 0.41 -9.15 -14.46
C MET A 13 1.88 -9.07 -14.89
N GLY A 14 2.07 -8.75 -16.16
CA GLY A 14 3.41 -8.75 -16.74
C GLY A 14 4.15 -10.08 -16.57
N LYS A 15 5.08 -10.10 -15.64
CA LYS A 15 5.90 -11.28 -15.34
C LYS A 15 5.15 -12.43 -14.63
N PHE A 16 4.05 -12.08 -13.97
CA PHE A 16 3.40 -13.00 -13.05
C PHE A 16 2.04 -13.52 -13.55
N ASN A 17 1.81 -14.82 -13.38
CA ASN A 17 0.53 -15.42 -13.71
C ASN A 17 -0.37 -15.51 -12.48
N LEU A 18 -1.49 -14.79 -12.50
CA LEU A 18 -2.45 -14.86 -11.41
C LEU A 18 -3.65 -15.69 -11.84
N SER A 19 -4.26 -16.36 -10.87
CA SER A 19 -5.40 -17.23 -11.15
CA SER A 19 -5.40 -17.23 -11.15
C SER A 19 -6.75 -16.58 -10.89
N HIS A 20 -6.73 -15.43 -10.23
CA HIS A 20 -7.95 -14.66 -9.96
C HIS A 20 -7.51 -13.24 -9.64
N ARG A 21 -8.48 -12.34 -9.50
CA ARG A 21 -8.21 -10.91 -9.41
C ARG A 21 -8.36 -10.36 -8.00
N VAL A 22 -8.51 -11.22 -7.00
CA VAL A 22 -8.72 -10.75 -5.63
C VAL A 22 -7.36 -10.55 -4.97
N VAL A 23 -7.09 -9.34 -4.48
CA VAL A 23 -5.77 -8.99 -3.93
C VAL A 23 -5.84 -8.67 -2.44
N LEU A 24 -4.82 -9.11 -1.69
CA LEU A 24 -4.68 -8.69 -0.30
C LEU A 24 -4.09 -7.28 -0.26
N ALA A 25 -4.87 -6.30 0.15
CA ALA A 25 -4.36 -4.94 0.31
C ALA A 25 -3.31 -4.88 1.41
N PRO A 26 -2.37 -3.93 1.33
CA PRO A 26 -1.41 -3.72 2.40
C PRO A 26 -2.11 -3.30 3.69
N LEU A 27 -1.79 -3.96 4.80
CA LEU A 27 -2.43 -3.71 6.08
C LEU A 27 -1.41 -3.72 7.21
N THR A 28 -1.12 -2.54 7.75
CA THR A 28 -0.29 -2.40 8.94
C THR A 28 -1.01 -3.05 10.12
N ARG A 29 -0.33 -3.96 10.81
CA ARG A 29 -0.95 -4.71 11.90
C ARG A 29 -0.09 -4.74 13.19
N CYS A 30 1.16 -4.31 13.10
CA CYS A 30 2.00 -4.13 14.31
C CYS A 30 2.28 -5.42 15.08
N ARG A 31 2.48 -6.53 14.37
CA ARG A 31 2.84 -7.77 15.04
C ARG A 31 4.31 -8.13 14.84
N ALA A 32 5.04 -7.31 14.09
CA ALA A 32 6.45 -7.58 13.80
C ALA A 32 7.30 -6.98 14.92
N ILE A 33 7.35 -7.66 16.05
CA ILE A 33 7.96 -7.11 17.26
C ILE A 33 9.42 -6.73 16.99
N ASN A 34 9.74 -5.48 17.36
CA ASN A 34 11.06 -4.88 17.14
C ASN A 34 11.48 -4.90 15.68
N ALA A 35 10.48 -4.82 14.80
CA ALA A 35 10.64 -4.69 13.34
C ALA A 35 11.10 -5.97 12.64
N ILE A 36 11.10 -7.10 13.34
CA ILE A 36 11.53 -8.36 12.74
C ILE A 36 10.34 -9.23 12.36
N PRO A 37 10.19 -9.54 11.05
CA PRO A 37 9.12 -10.48 10.70
C PRO A 37 9.33 -11.80 11.42
N ASN A 38 8.23 -12.41 11.87
CA ASN A 38 8.30 -13.55 12.78
C ASN A 38 7.29 -14.62 12.42
N GLU A 39 7.10 -15.58 13.32
CA GLU A 39 6.24 -16.72 13.06
C GLU A 39 4.79 -16.28 12.90
N ALA A 40 4.40 -15.22 13.60
CA ALA A 40 3.03 -14.71 13.47
C ALA A 40 2.78 -14.23 12.04
N LEU A 41 3.72 -13.45 11.51
CA LEU A 41 3.55 -12.97 10.14
C LEU A 41 3.56 -14.14 9.15
N VAL A 42 4.39 -15.17 9.40
CA VAL A 42 4.40 -16.30 8.49
C VAL A 42 3.01 -16.91 8.38
N GLU A 43 2.39 -17.15 9.53
CA GLU A 43 1.08 -17.79 9.54
C GLU A 43 0.00 -16.86 8.98
N TYR A 44 0.08 -15.58 9.30
CA TYR A 44 -0.89 -14.62 8.79
C TYR A 44 -0.94 -14.58 7.27
N TYR A 45 0.21 -14.46 6.62
CA TYR A 45 0.21 -14.42 5.17
C TYR A 45 -0.07 -15.81 4.59
N ARG A 46 0.42 -16.86 5.23
CA ARG A 46 0.14 -18.22 4.76
C ARG A 46 -1.38 -18.49 4.73
N GLN A 47 -2.08 -18.09 5.80
CA GLN A 47 -3.54 -18.27 5.92
C GLN A 47 -4.29 -17.63 4.76
N ARG A 48 -3.72 -16.55 4.24
CA ARG A 48 -4.38 -15.70 3.25
C ARG A 48 -3.95 -16.02 1.82
N SER A 49 -2.96 -16.90 1.71
CA SER A 49 -2.41 -17.29 0.41
C SER A 49 -3.33 -18.21 -0.37
N THR A 50 -3.40 -17.98 -1.68
CA THR A 50 -4.06 -18.90 -2.60
C THR A 50 -3.17 -19.14 -3.81
N ALA A 51 -3.41 -20.25 -4.51
CA ALA A 51 -2.66 -20.53 -5.72
C ALA A 51 -2.93 -19.47 -6.77
N GLY A 52 -1.90 -18.75 -7.15
CA GLY A 52 -2.04 -17.69 -8.14
C GLY A 52 -2.73 -16.44 -7.61
N GLY A 53 -2.81 -16.30 -6.28
CA GLY A 53 -3.34 -15.10 -5.69
C GLY A 53 -2.26 -14.09 -5.32
N PHE A 54 -2.55 -12.82 -5.57
CA PHE A 54 -1.58 -11.74 -5.30
C PHE A 54 -1.75 -11.14 -3.89
N LEU A 55 -0.63 -11.05 -3.18
CA LEU A 55 -0.58 -10.50 -1.82
C LEU A 55 0.32 -9.28 -1.76
N ILE A 56 -0.10 -8.23 -1.07
CA ILE A 56 0.77 -7.09 -0.80
C ILE A 56 0.96 -7.00 0.71
N THR A 57 2.21 -6.94 1.16
CA THR A 57 2.45 -6.87 2.60
C THR A 57 2.05 -5.53 3.21
N GLU A 58 1.86 -5.58 4.53
CA GLU A 58 1.89 -4.37 5.35
C GLU A 58 3.03 -3.44 4.96
N GLY A 59 2.86 -2.15 5.18
CA GLY A 59 3.93 -1.19 4.95
C GLY A 59 5.18 -1.60 5.72
N THR A 60 6.32 -1.53 5.05
CA THR A 60 7.57 -2.02 5.62
C THR A 60 8.60 -0.90 5.58
N MET A 61 9.28 -0.70 6.72
CA MET A 61 10.26 0.38 6.88
CA MET A 61 10.23 0.41 6.84
C MET A 61 11.42 0.27 5.91
N ILE A 62 11.81 1.40 5.29
CA ILE A 62 13.01 1.44 4.45
C ILE A 62 14.23 1.97 5.19
N SER A 63 14.01 2.48 6.40
CA SER A 63 15.07 3.15 7.17
C SER A 63 14.63 3.36 8.60
N PRO A 64 15.58 3.64 9.52
CA PRO A 64 15.17 3.90 10.91
C PRO A 64 14.24 5.11 11.09
N SER A 65 14.22 6.07 10.17
CA SER A 65 13.37 7.25 10.30
C SER A 65 12.01 7.08 9.65
N SER A 66 11.77 5.92 9.07
CA SER A 66 10.57 5.75 8.26
C SER A 66 9.35 5.28 9.07
N ALA A 67 9.54 5.03 10.35
CA ALA A 67 8.45 4.46 11.19
C ALA A 67 7.52 5.50 11.78
N GLY A 68 6.24 5.16 11.83
CA GLY A 68 5.25 5.95 12.57
C GLY A 68 4.21 5.11 13.29
N PHE A 69 4.49 3.82 13.44
CA PHE A 69 3.64 2.85 14.12
C PHE A 69 4.56 1.92 14.92
N PRO A 70 4.05 1.30 15.99
CA PRO A 70 4.90 0.36 16.73
C PRO A 70 4.94 -1.04 16.12
N HIS A 71 6.09 -1.68 16.23
CA HIS A 71 6.26 -3.09 15.85
C HIS A 71 5.80 -3.34 14.41
N VAL A 72 6.18 -2.44 13.52
CA VAL A 72 6.06 -2.63 12.09
C VAL A 72 7.40 -3.15 11.53
N PRO A 73 7.34 -4.01 10.52
CA PRO A 73 8.57 -4.65 10.03
C PRO A 73 9.42 -3.69 9.23
N GLY A 74 10.72 -3.95 9.20
CA GLY A 74 11.60 -3.26 8.28
C GLY A 74 12.16 -4.21 7.24
N ILE A 75 12.85 -3.65 6.25
CA ILE A 75 13.61 -4.50 5.34
C ILE A 75 14.92 -3.78 4.99
N PHE A 76 15.49 -3.11 5.99
CA PHE A 76 16.79 -2.46 5.81
C PHE A 76 17.94 -3.12 6.57
N THR A 77 17.67 -4.22 7.28
CA THR A 77 18.74 -5.00 7.91
C THR A 77 18.71 -6.48 7.50
N LYS A 78 19.85 -7.15 7.67
CA LYS A 78 19.94 -8.56 7.31
C LYS A 78 19.00 -9.41 8.17
N GLU A 79 18.90 -9.06 9.45
CA GLU A 79 18.02 -9.79 10.35
C GLU A 79 16.58 -9.71 9.87
N GLN A 80 16.19 -8.53 9.39
CA GLN A 80 14.84 -8.34 8.86
C GLN A 80 14.63 -9.15 7.58
N VAL A 81 15.62 -9.13 6.70
CA VAL A 81 15.56 -9.91 5.47
C VAL A 81 15.38 -11.39 5.77
N GLU A 82 16.12 -11.89 6.76
CA GLU A 82 16.01 -13.30 7.12
C GLU A 82 14.63 -13.63 7.67
N GLY A 83 14.02 -12.71 8.41
CA GLY A 83 12.67 -12.94 8.88
C GLY A 83 11.68 -12.96 7.73
N TRP A 84 11.85 -12.05 6.79
CA TRP A 84 10.96 -12.04 5.62
C TRP A 84 11.08 -13.29 4.75
N LYS A 85 12.27 -13.86 4.64
CA LYS A 85 12.45 -15.06 3.83
C LYS A 85 11.47 -16.14 4.25
N LYS A 86 11.24 -16.25 5.56
CA LYS A 86 10.37 -17.30 6.07
C LYS A 86 8.91 -17.04 5.70
N VAL A 87 8.52 -15.78 5.71
CA VAL A 87 7.17 -15.40 5.28
C VAL A 87 6.98 -15.68 3.80
N VAL A 88 7.92 -15.22 3.00
CA VAL A 88 7.83 -15.35 1.56
C VAL A 88 7.86 -16.81 1.13
N ASP A 89 8.73 -17.61 1.73
CA ASP A 89 8.77 -19.02 1.43
C ASP A 89 7.42 -19.70 1.69
N ALA A 90 6.77 -19.35 2.79
CA ALA A 90 5.48 -19.99 3.11
C ALA A 90 4.41 -19.58 2.10
N ALA A 91 4.40 -18.30 1.74
CA ALA A 91 3.42 -17.83 0.77
C ALA A 91 3.64 -18.51 -0.58
N HIS A 92 4.91 -18.64 -0.97
CA HIS A 92 5.21 -19.27 -2.25
C HIS A 92 4.85 -20.76 -2.27
N LYS A 93 4.97 -21.40 -1.12
CA LYS A 93 4.60 -22.82 -1.02
C LYS A 93 3.13 -23.02 -1.32
N GLU A 94 2.31 -22.01 -1.02
CA GLU A 94 0.88 -22.04 -1.31
C GLU A 94 0.54 -21.54 -2.72
N GLY A 95 1.57 -21.12 -3.46
CA GLY A 95 1.38 -20.65 -4.82
C GLY A 95 1.05 -19.16 -4.96
N ALA A 96 1.19 -18.40 -3.88
CA ALA A 96 0.97 -16.96 -3.91
C ALA A 96 2.06 -16.21 -4.64
N VAL A 97 1.71 -15.02 -5.12
CA VAL A 97 2.66 -14.03 -5.61
C VAL A 97 2.62 -12.92 -4.56
N ILE A 98 3.78 -12.46 -4.08
CA ILE A 98 3.77 -11.52 -2.96
C ILE A 98 4.75 -10.36 -3.17
N PHE A 99 4.25 -9.14 -2.98
CA PHE A 99 5.04 -7.92 -3.09
C PHE A 99 5.20 -7.30 -1.71
N CYS A 100 6.37 -6.74 -1.44
CA CYS A 100 6.61 -6.01 -0.19
C CYS A 100 6.31 -4.52 -0.37
N GLN A 101 5.41 -3.96 0.45
CA GLN A 101 5.18 -2.51 0.36
C GLN A 101 6.24 -1.72 1.12
N LEU A 102 6.96 -0.87 0.39
CA LEU A 102 7.99 -0.03 0.98
C LEU A 102 7.38 1.29 1.46
N TRP A 103 7.55 1.57 2.75
CA TRP A 103 6.80 2.62 3.44
C TRP A 103 7.67 3.58 4.22
N HIS A 104 7.57 4.88 3.89
CA HIS A 104 8.15 5.93 4.72
C HIS A 104 7.03 6.89 5.12
N VAL A 105 6.84 7.09 6.42
CA VAL A 105 5.71 7.89 6.90
C VAL A 105 5.93 9.39 6.85
N GLY A 106 7.18 9.82 6.66
CA GLY A 106 7.46 11.25 6.67
C GLY A 106 7.02 11.90 7.96
N ARG A 107 6.25 13.00 7.85
CA ARG A 107 5.85 13.76 9.03
C ARG A 107 4.83 13.03 9.92
N ALA A 108 4.26 11.93 9.45
CA ALA A 108 3.25 11.20 10.24
C ALA A 108 3.95 10.27 11.21
N SER A 109 4.64 10.86 12.18
CA SER A 109 5.44 10.10 13.13
C SER A 109 5.50 10.85 14.45
N HIS A 110 6.44 10.46 15.29
CA HIS A 110 6.54 11.02 16.63
C HIS A 110 7.98 10.81 17.09
N GLN A 111 8.46 11.64 18.01
CA GLN A 111 9.83 11.51 18.49
C GLN A 111 10.12 10.10 19.02
N VAL A 112 9.12 9.46 19.62
CA VAL A 112 9.32 8.13 20.20
C VAL A 112 9.64 7.07 19.13
N TYR A 113 9.35 7.38 17.87
CA TYR A 113 9.60 6.47 16.76
C TYR A 113 10.90 6.78 16.04
N GLN A 114 11.53 7.89 16.39
CA GLN A 114 12.67 8.37 15.62
C GLN A 114 13.98 8.12 16.34
N PRO A 115 15.02 7.75 15.59
CA PRO A 115 16.35 7.57 16.19
C PRO A 115 16.79 8.85 16.90
N GLY A 116 17.30 8.70 18.12
CA GLY A 116 17.72 9.83 18.92
C GLY A 116 16.63 10.83 19.27
N GLY A 117 15.37 10.47 19.01
CA GLY A 117 14.26 11.35 19.30
C GLY A 117 14.19 12.54 18.36
N ALA A 118 14.83 12.41 17.20
CA ALA A 118 14.89 13.49 16.22
C ALA A 118 13.51 13.80 15.64
N ALA A 119 13.37 14.97 15.04
CA ALA A 119 12.13 15.33 14.38
C ALA A 119 11.93 14.46 13.14
N PRO A 120 10.67 14.08 12.87
CA PRO A 120 10.36 13.38 11.61
C PRO A 120 10.68 14.26 10.41
N ILE A 121 10.92 13.64 9.26
CA ILE A 121 11.29 14.40 8.06
C ILE A 121 10.12 14.51 7.10
N SER A 122 10.11 15.57 6.30
CA SER A 122 8.99 15.87 5.41
C SER A 122 9.40 16.83 4.29
N SER A 123 8.42 17.22 3.48
CA SER A 123 8.63 18.27 2.48
C SER A 123 8.60 19.63 3.13
N THR A 124 7.90 19.69 4.25
CA THR A 124 7.50 20.93 4.89
C THR A 124 7.92 20.96 6.37
N SER A 125 7.78 22.13 6.99
CA SER A 125 7.98 22.24 8.44
C SER A 125 6.65 22.23 9.17
N LYS A 126 5.55 22.19 8.43
CA LYS A 126 4.22 22.24 9.04
C LYS A 126 3.81 20.85 9.51
N PRO A 127 3.33 20.75 10.76
CA PRO A 127 2.88 19.44 11.25
C PRO A 127 1.46 19.12 10.82
N ILE A 128 1.11 17.84 10.89
CA ILE A 128 -0.28 17.43 10.83
C ILE A 128 -1.01 18.15 11.97
N SER A 129 -2.20 18.68 11.69
CA SER A 129 -2.92 19.47 12.68
C SER A 129 -3.35 18.62 13.88
N LYS A 130 -3.70 19.29 14.97
CA LYS A 130 -4.10 18.60 16.20
C LYS A 130 -5.47 17.92 16.09
N LYS A 131 -6.11 18.07 14.93
CA LYS A 131 -7.34 17.35 14.64
C LYS A 131 -7.09 15.85 14.64
N TRP A 132 -5.85 15.46 14.36
CA TRP A 132 -5.48 14.05 14.28
C TRP A 132 -4.44 13.69 15.33
N GLU A 133 -4.45 12.44 15.78
CA GLU A 133 -3.48 11.99 16.77
C GLU A 133 -2.80 10.69 16.33
N ILE A 134 -1.67 10.40 16.96
CA ILE A 134 -0.87 9.24 16.58
C ILE A 134 -0.80 8.20 17.71
N LEU A 135 -1.02 6.94 17.35
CA LEU A 135 -0.87 5.83 18.31
C LEU A 135 0.59 5.69 18.73
N LEU A 136 0.81 5.68 20.04
CA LEU A 136 2.16 5.53 20.60
C LEU A 136 2.42 4.09 21.05
N PRO A 137 3.68 3.73 21.30
CA PRO A 137 4.00 2.35 21.70
C PRO A 137 3.36 1.91 23.03
N ASP A 138 2.96 2.87 23.86
CA ASP A 138 2.39 2.53 25.16
C ASP A 138 0.86 2.55 25.17
N ALA A 139 0.27 2.44 23.97
CA ALA A 139 -1.19 2.36 23.80
C ALA A 139 -1.91 3.61 24.30
N THR A 140 -1.24 4.74 24.21
CA THR A 140 -1.90 6.04 24.32
C THR A 140 -1.80 6.74 22.98
N TYR A 141 -2.49 7.87 22.83
CA TYR A 141 -2.39 8.67 21.60
C TYR A 141 -1.68 9.99 21.85
N GLY A 142 -0.78 10.35 20.93
CA GLY A 142 0.03 11.54 21.09
C GLY A 142 -0.19 12.53 19.96
N THR A 143 0.56 13.62 20.04
CA THR A 143 0.46 14.73 19.11
C THR A 143 1.53 14.63 18.03
N TYR A 144 1.15 14.82 16.77
CA TYR A 144 2.12 14.89 15.69
C TYR A 144 2.99 16.13 15.86
N PRO A 145 4.32 15.95 15.88
CA PRO A 145 5.27 17.05 16.06
C PRO A 145 5.59 17.79 14.77
N GLU A 146 6.23 18.94 14.92
CA GLU A 146 6.77 19.68 13.79
C GLU A 146 7.83 18.85 13.07
N PRO A 147 7.66 18.63 11.76
CA PRO A 147 8.68 17.90 11.02
C PRO A 147 9.79 18.80 10.52
N ARG A 148 10.90 18.20 10.10
CA ARG A 148 12.01 18.93 9.52
C ARG A 148 11.96 18.79 8.00
N PRO A 149 11.99 19.92 7.26
CA PRO A 149 11.99 19.83 5.80
C PRO A 149 13.33 19.34 5.22
N LEU A 150 13.27 18.33 4.37
CA LEU A 150 14.48 17.75 3.80
C LEU A 150 15.17 18.70 2.83
N ALA A 151 16.49 18.72 2.90
CA ALA A 151 17.28 19.36 1.84
C ALA A 151 17.32 18.44 0.64
N ALA A 152 17.64 18.99 -0.54
CA ALA A 152 17.66 18.22 -1.78
C ALA A 152 18.59 17.00 -1.70
N ASN A 153 19.75 17.17 -1.10
CA ASN A 153 20.69 16.06 -0.98
C ASN A 153 20.14 14.96 -0.07
N GLU A 154 19.36 15.35 0.93
CA GLU A 154 18.76 14.41 1.85
C GLU A 154 17.61 13.64 1.18
N ILE A 155 16.93 14.29 0.24
CA ILE A 155 15.88 13.61 -0.52
C ILE A 155 16.51 12.49 -1.34
N LEU A 156 17.67 12.74 -1.92
CA LEU A 156 18.38 11.71 -2.65
C LEU A 156 18.82 10.57 -1.74
N GLU A 157 19.11 10.86 -0.48
CA GLU A 157 19.47 9.83 0.48
C GLU A 157 18.28 8.90 0.70
N VAL A 158 17.08 9.47 0.70
CA VAL A 158 15.87 8.67 0.89
C VAL A 158 15.60 7.81 -0.34
N VAL A 159 15.80 8.37 -1.53
CA VAL A 159 15.69 7.58 -2.76
C VAL A 159 16.62 6.37 -2.69
N GLU A 160 17.83 6.60 -2.22
CA GLU A 160 18.78 5.51 -2.04
C GLU A 160 18.27 4.46 -1.03
N ASP A 161 17.64 4.90 0.06
CA ASP A 161 17.03 3.97 1.00
C ASP A 161 15.97 3.09 0.33
N TYR A 162 15.14 3.67 -0.53
CA TYR A 162 14.19 2.85 -1.29
C TYR A 162 14.90 1.84 -2.18
N ARG A 163 15.98 2.27 -2.85
CA ARG A 163 16.70 1.40 -3.75
C ARG A 163 17.24 0.19 -2.98
N VAL A 164 17.88 0.46 -1.84
CA VAL A 164 18.42 -0.60 -1.00
C VAL A 164 17.31 -1.54 -0.51
N ALA A 165 16.19 -0.97 -0.09
CA ALA A 165 15.08 -1.78 0.40
C ALA A 165 14.54 -2.70 -0.69
N ALA A 166 14.47 -2.19 -1.92
CA ALA A 166 14.01 -3.02 -3.03
C ALA A 166 14.96 -4.18 -3.28
N ILE A 167 16.27 -3.91 -3.28
CA ILE A 167 17.25 -4.98 -3.44
C ILE A 167 17.08 -6.02 -2.33
N ASN A 168 16.87 -5.55 -1.10
CA ASN A 168 16.71 -6.45 0.02
C ASN A 168 15.44 -7.28 -0.10
N ALA A 169 14.38 -6.67 -0.60
CA ALA A 169 13.15 -7.41 -0.83
C ALA A 169 13.36 -8.57 -1.78
N ILE A 170 14.10 -8.34 -2.86
CA ILE A 170 14.35 -9.41 -3.82
C ILE A 170 15.24 -10.46 -3.17
N GLU A 171 16.17 -10.05 -2.33
CA GLU A 171 17.00 -11.01 -1.60
C GLU A 171 16.15 -11.90 -0.70
N ALA A 172 15.11 -11.35 -0.08
CA ALA A 172 14.21 -12.13 0.75
C ALA A 172 13.32 -13.06 -0.05
N GLY A 173 13.30 -12.90 -1.37
CA GLY A 173 12.50 -13.76 -2.22
C GLY A 173 11.21 -13.14 -2.73
N PHE A 174 10.93 -11.89 -2.33
CA PHE A 174 9.71 -11.22 -2.82
C PHE A 174 9.67 -11.17 -4.33
N ASP A 175 8.46 -11.27 -4.88
CA ASP A 175 8.27 -11.19 -6.32
C ASP A 175 8.43 -9.77 -6.80
N GLY A 176 8.26 -8.80 -5.92
CA GLY A 176 8.38 -7.41 -6.28
C GLY A 176 8.10 -6.52 -5.08
N ILE A 177 8.03 -5.22 -5.33
CA ILE A 177 7.73 -4.27 -4.27
C ILE A 177 6.64 -3.31 -4.72
N GLU A 178 5.94 -2.72 -3.75
CA GLU A 178 5.02 -1.63 -4.00
C GLU A 178 5.49 -0.37 -3.30
N ILE A 179 5.62 0.72 -4.05
CA ILE A 179 5.96 2.01 -3.48
CA ILE A 179 5.96 2.01 -3.48
C ILE A 179 4.73 2.62 -2.82
N HIS A 180 4.78 2.82 -1.50
CA HIS A 180 3.68 3.47 -0.83
C HIS A 180 3.77 4.98 -1.06
N GLY A 181 2.99 5.48 -2.02
CA GLY A 181 2.94 6.90 -2.32
C GLY A 181 1.58 7.49 -2.00
N ALA A 182 0.90 6.92 -1.00
CA ALA A 182 -0.48 7.29 -0.71
C ALA A 182 -0.67 7.83 0.72
N HIS A 183 -1.90 8.26 1.00
CA HIS A 183 -2.39 8.48 2.36
C HIS A 183 -1.59 9.45 3.22
N GLY A 184 -1.04 10.48 2.58
CA GLY A 184 -0.41 11.54 3.33
C GLY A 184 0.93 11.20 3.96
N TYR A 185 1.55 10.12 3.50
CA TYR A 185 2.87 9.77 4.02
C TYR A 185 3.94 10.50 3.20
N LEU A 186 5.21 10.10 3.33
CA LEU A 186 6.30 10.96 2.83
C LEU A 186 6.13 11.42 1.38
N LEU A 187 5.88 10.50 0.46
CA LEU A 187 5.88 10.87 -0.95
C LEU A 187 4.65 11.72 -1.26
N ASP A 188 3.55 11.45 -0.58
CA ASP A 188 2.32 12.22 -0.73
C ASP A 188 2.51 13.63 -0.15
N GLN A 189 3.39 13.75 0.83
CA GLN A 189 3.69 15.06 1.44
C GLN A 189 4.39 15.96 0.44
N PHE A 190 4.96 15.36 -0.60
CA PHE A 190 5.54 16.12 -1.69
C PHE A 190 4.56 16.31 -2.84
N MET A 191 3.71 15.32 -3.11
CA MET A 191 2.76 15.44 -4.21
C MET A 191 1.63 16.43 -3.95
N LYS A 192 1.09 16.43 -2.74
CA LYS A 192 -0.13 17.19 -2.43
C LYS A 192 0.18 18.66 -2.19
N ASP A 193 -0.49 19.55 -2.93
CA ASP A 193 -0.18 20.98 -2.81
C ASP A 193 -0.70 21.55 -1.50
N GLY A 194 -1.55 20.77 -0.81
CA GLY A 194 -1.99 21.14 0.53
C GLY A 194 -0.92 20.95 1.60
N ILE A 195 0.13 20.20 1.28
CA ILE A 195 1.21 19.95 2.23
C ILE A 195 2.51 20.56 1.76
N ASN A 196 2.80 20.39 0.47
CA ASN A 196 4.05 20.85 -0.09
C ASN A 196 4.04 22.35 -0.33
N ASP A 197 4.71 23.08 0.55
CA ASP A 197 4.83 24.53 0.42
C ASP A 197 6.27 24.94 0.11
N ARG A 198 7.01 24.04 -0.54
CA ARG A 198 8.39 24.31 -0.91
C ARG A 198 8.51 25.29 -2.06
N THR A 199 9.65 25.96 -2.14
CA THR A 199 9.93 26.93 -3.19
C THR A 199 11.13 26.53 -4.04
N ASP A 200 11.66 25.33 -3.82
CA ASP A 200 12.80 24.84 -4.59
C ASP A 200 12.34 23.89 -5.71
N GLU A 201 13.27 23.08 -6.21
CA GLU A 201 12.98 22.25 -7.38
C GLU A 201 12.08 21.06 -7.03
N TYR A 202 11.71 20.94 -5.76
CA TYR A 202 10.79 19.89 -5.33
C TYR A 202 9.45 20.46 -4.91
N GLY A 203 9.23 21.73 -5.22
CA GLY A 203 7.97 22.37 -4.91
C GLY A 203 7.43 23.17 -6.08
N GLY A 204 6.15 23.50 -6.01
CA GLY A 204 5.53 24.36 -7.00
C GLY A 204 4.75 23.61 -8.06
N SER A 205 5.39 23.40 -9.21
CA SER A 205 4.74 22.75 -10.34
C SER A 205 4.41 21.29 -10.06
N LEU A 206 3.44 20.75 -10.79
CA LEU A 206 3.14 19.32 -10.74
C LEU A 206 4.39 18.53 -11.07
N GLU A 207 5.17 19.05 -12.01
CA GLU A 207 6.45 18.45 -12.36
C GLU A 207 7.36 18.33 -11.13
N ASN A 208 7.47 19.41 -10.37
CA ASN A 208 8.34 19.42 -9.21
C ASN A 208 7.79 18.60 -8.06
N ARG A 209 6.47 18.60 -7.91
CA ARG A 209 5.85 17.88 -6.79
C ARG A 209 5.88 16.37 -7.01
N CYS A 210 5.90 15.95 -8.27
CA CYS A 210 5.98 14.52 -8.61
C CYS A 210 7.41 14.02 -8.74
N LYS A 211 8.38 14.93 -8.62
CA LYS A 211 9.77 14.58 -8.86
C LYS A 211 10.26 13.46 -7.93
N PHE A 212 10.00 13.62 -6.63
CA PHE A 212 10.49 12.68 -5.64
C PHE A 212 9.95 11.28 -5.92
N ILE A 213 8.64 11.13 -6.07
CA ILE A 213 8.11 9.78 -6.28
C ILE A 213 8.58 9.21 -7.62
N LEU A 214 8.73 10.04 -8.64
CA LEU A 214 9.28 9.52 -9.89
C LEU A 214 10.74 9.11 -9.75
N GLN A 215 11.52 9.83 -8.96
CA GLN A 215 12.90 9.43 -8.74
C GLN A 215 12.96 8.09 -8.02
N VAL A 216 12.03 7.85 -7.11
CA VAL A 216 11.95 6.56 -6.41
C VAL A 216 11.61 5.43 -7.39
N VAL A 217 10.59 5.64 -8.21
CA VAL A 217 10.21 4.66 -9.22
C VAL A 217 11.37 4.35 -10.16
N GLN A 218 12.07 5.40 -10.59
CA GLN A 218 13.24 5.23 -11.46
C GLN A 218 14.32 4.39 -10.79
N ALA A 219 14.65 4.71 -9.54
CA ALA A 219 15.72 4.03 -8.83
C ALA A 219 15.40 2.56 -8.56
N VAL A 220 14.19 2.27 -8.09
CA VAL A 220 13.86 0.88 -7.80
C VAL A 220 13.68 0.07 -9.09
N SER A 221 13.20 0.70 -10.16
CA SER A 221 13.11 0.02 -11.45
C SER A 221 14.50 -0.36 -11.97
N ALA A 222 15.46 0.55 -11.82
CA ALA A 222 16.82 0.27 -12.23
C ALA A 222 17.37 -0.89 -11.41
N ALA A 223 17.05 -0.90 -10.12
CA ALA A 223 17.62 -1.90 -9.23
C ALA A 223 17.07 -3.31 -9.45
N ILE A 224 15.76 -3.43 -9.62
CA ILE A 224 15.16 -4.77 -9.62
C ILE A 224 14.28 -5.06 -10.83
N GLY A 225 14.13 -4.08 -11.72
CA GLY A 225 13.33 -4.25 -12.92
C GLY A 225 11.96 -3.60 -12.81
N THR A 226 11.53 -2.95 -13.89
CA THR A 226 10.21 -2.32 -13.96
C THR A 226 9.09 -3.28 -13.63
N ASP A 227 9.25 -4.53 -14.05
CA ASP A 227 8.19 -5.52 -13.94
C ASP A 227 8.03 -6.05 -12.51
N ARG A 228 8.92 -5.62 -11.62
CA ARG A 228 8.81 -5.97 -10.20
C ARG A 228 8.42 -4.78 -9.33
N VAL A 229 7.94 -3.70 -9.94
CA VAL A 229 7.64 -2.47 -9.21
C VAL A 229 6.19 -2.04 -9.40
N GLY A 230 5.43 -1.99 -8.30
CA GLY A 230 4.11 -1.40 -8.33
C GLY A 230 4.15 -0.09 -7.57
N ILE A 231 3.14 0.75 -7.78
CA ILE A 231 3.08 2.04 -7.11
C ILE A 231 1.66 2.30 -6.62
N ARG A 232 1.54 2.73 -5.37
CA ARG A 232 0.23 3.04 -4.79
C ARG A 232 0.08 4.53 -4.53
N ILE A 233 -1.00 5.12 -5.04
CA ILE A 233 -1.29 6.52 -4.79
C ILE A 233 -2.77 6.71 -4.39
N SER A 234 -3.07 7.91 -3.90
CA SER A 234 -4.43 8.26 -3.49
C SER A 234 -4.65 9.77 -3.67
N PRO A 235 -4.85 10.21 -4.91
CA PRO A 235 -4.97 11.66 -5.15
C PRO A 235 -6.21 12.27 -4.53
N ALA A 236 -7.29 11.51 -4.41
CA ALA A 236 -8.55 12.05 -3.89
C ALA A 236 -8.59 12.05 -2.36
N ASP A 241 -5.49 15.28 6.53
CA ASP A 241 -4.73 16.52 6.37
C ASP A 241 -3.87 16.46 5.11
N ALA A 242 -4.29 15.65 4.14
CA ALA A 242 -3.51 15.44 2.93
C ALA A 242 -4.34 15.69 1.68
N MET A 243 -4.56 16.96 1.35
CA MET A 243 -5.42 17.28 0.23
C MET A 243 -4.69 18.01 -0.90
N ASP A 244 -5.20 17.86 -2.11
CA ASP A 244 -4.70 18.60 -3.25
C ASP A 244 -5.85 19.41 -3.84
N SER A 245 -5.53 20.60 -4.35
CA SER A 245 -6.55 21.48 -4.90
C SER A 245 -7.18 20.93 -6.18
N ASP A 246 -6.49 19.99 -6.83
CA ASP A 246 -6.99 19.40 -8.07
C ASP A 246 -6.59 17.93 -8.17
N PRO A 247 -7.26 17.06 -7.43
CA PRO A 247 -6.95 15.62 -7.41
C PRO A 247 -6.93 14.99 -8.80
N ARG A 248 -7.88 15.36 -9.65
CA ARG A 248 -7.90 14.85 -11.01
C ARG A 248 -6.56 15.10 -11.71
N SER A 249 -6.12 16.36 -11.70
CA SER A 249 -4.88 16.72 -12.40
C SER A 249 -3.66 16.07 -11.77
N LEU A 250 -3.68 15.91 -10.45
CA LEU A 250 -2.54 15.30 -9.76
C LEU A 250 -2.38 13.83 -10.14
N GLY A 251 -3.48 13.08 -10.05
CA GLY A 251 -3.48 11.70 -10.50
C GLY A 251 -3.02 11.55 -11.95
N LEU A 252 -3.58 12.37 -12.82
CA LEU A 252 -3.18 12.33 -14.22
C LEU A 252 -1.72 12.74 -14.43
N ALA A 253 -1.21 13.62 -13.57
CA ALA A 253 0.20 14.04 -13.66
C ALA A 253 1.14 12.89 -13.32
N VAL A 254 0.83 12.15 -12.25
CA VAL A 254 1.63 10.99 -11.91
C VAL A 254 1.54 9.98 -13.03
N ILE A 255 0.33 9.73 -13.52
CA ILE A 255 0.10 8.74 -14.56
C ILE A 255 0.85 9.07 -15.85
N GLU A 256 0.82 10.34 -16.23
CA GLU A 256 1.53 10.76 -17.44
C GLU A 256 3.01 10.45 -17.34
N ARG A 257 3.57 10.70 -16.16
CA ARG A 257 5.00 10.50 -15.94
C ARG A 257 5.32 9.00 -15.88
N LEU A 258 4.42 8.19 -15.32
CA LEU A 258 4.64 6.75 -15.34
C LEU A 258 4.59 6.22 -16.78
N ASN A 259 3.61 6.67 -17.55
CA ASN A 259 3.49 6.26 -18.95
C ASN A 259 4.74 6.61 -19.75
N LYS A 260 5.24 7.82 -19.53
CA LYS A 260 6.42 8.31 -20.21
C LYS A 260 7.64 7.48 -19.84
N LEU A 261 7.76 7.16 -18.55
CA LEU A 261 8.89 6.36 -18.10
C LEU A 261 8.84 4.96 -18.71
N GLN A 262 7.65 4.36 -18.76
CA GLN A 262 7.48 3.07 -19.40
C GLN A 262 7.88 3.11 -20.87
N PHE A 263 7.46 4.16 -21.57
CA PHE A 263 7.80 4.29 -22.99
C PHE A 263 9.31 4.44 -23.18
N LYS A 264 9.94 5.21 -22.31
CA LYS A 264 11.39 5.43 -22.38
C LYS A 264 12.18 4.16 -22.10
N LEU A 265 11.82 3.46 -21.03
CA LEU A 265 12.61 2.30 -20.61
C LEU A 265 12.29 1.07 -21.45
N GLY A 266 11.09 1.04 -22.04
CA GLY A 266 10.69 -0.03 -22.95
C GLY A 266 9.90 -1.17 -22.32
N SER A 267 9.35 -0.94 -21.15
CA SER A 267 8.56 -1.97 -20.47
C SER A 267 7.59 -1.33 -19.48
N ARG A 268 6.59 -2.13 -19.09
CA ARG A 268 5.61 -1.69 -18.12
C ARG A 268 6.02 -1.95 -16.69
N LEU A 269 5.59 -1.06 -15.80
CA LEU A 269 5.64 -1.31 -14.37
C LEU A 269 4.71 -2.48 -14.06
N ALA A 270 4.83 -3.04 -12.86
CA ALA A 270 3.98 -4.15 -12.47
C ALA A 270 2.51 -3.72 -12.46
N TYR A 271 2.24 -2.55 -11.87
CA TYR A 271 0.90 -2.00 -11.79
C TYR A 271 0.87 -0.63 -11.18
N LEU A 272 -0.28 0.02 -11.37
CA LEU A 272 -0.66 1.20 -10.61
C LEU A 272 -1.83 0.80 -9.70
N HIS A 273 -1.74 1.18 -8.43
CA HIS A 273 -2.71 0.83 -7.39
C HIS A 273 -3.27 2.13 -6.82
N VAL A 274 -4.58 2.34 -6.92
CA VAL A 274 -5.18 3.57 -6.42
C VAL A 274 -6.30 3.27 -5.44
N THR A 275 -6.28 3.94 -4.29
CA THR A 275 -7.39 3.82 -3.35
C THR A 275 -8.38 4.95 -3.54
N GLN A 276 -9.63 4.68 -3.19
CA GLN A 276 -10.67 5.70 -3.27
C GLN A 276 -11.42 5.84 -1.97
N PRO A 277 -11.89 7.05 -1.67
CA PRO A 277 -12.76 7.25 -0.51
C PRO A 277 -14.18 6.77 -0.80
N ARG A 278 -14.93 6.52 0.26
CA ARG A 278 -16.35 6.14 0.19
C ARG A 278 -17.16 7.07 1.07
N TYR A 279 -18.48 6.96 0.97
CA TYR A 279 -19.35 7.95 1.60
C TYR A 279 -20.49 7.30 2.37
N THR A 280 -20.40 5.98 2.55
CA THR A 280 -21.33 5.24 3.37
C THR A 280 -20.92 5.32 4.85
N ALA A 281 -21.85 4.97 5.73
CA ALA A 281 -21.62 5.03 7.17
C ALA A 281 -20.47 4.11 7.61
N ASP A 282 -20.39 2.92 7.03
CA ASP A 282 -19.35 1.96 7.45
C ASP A 282 -18.15 1.93 6.50
N GLY A 283 -18.14 2.81 5.51
CA GLY A 283 -17.04 2.89 4.57
C GLY A 283 -16.95 1.80 3.51
N HIS A 284 -17.96 0.93 3.45
CA HIS A 284 -18.04 -0.10 2.43
C HIS A 284 -19.14 0.22 1.44
N GLY A 285 -18.93 -0.09 0.17
CA GLY A 285 -20.01 -0.05 -0.80
C GLY A 285 -20.43 1.34 -1.25
N GLN A 286 -21.58 1.37 -1.92
CA GLN A 286 -22.13 2.60 -2.50
C GLN A 286 -23.30 3.13 -1.68
N THR A 287 -23.44 4.46 -1.65
CA THR A 287 -24.63 5.07 -1.07
C THR A 287 -25.81 4.81 -2.01
N GLU A 288 -27.01 5.08 -1.54
CA GLU A 288 -28.21 4.89 -2.36
C GLU A 288 -28.08 5.65 -3.69
N ALA A 289 -28.72 5.12 -4.73
CA ALA A 289 -28.52 5.55 -6.12
C ALA A 289 -28.25 7.04 -6.35
N GLY A 290 -29.17 7.88 -5.91
CA GLY A 290 -29.03 9.32 -6.10
C GLY A 290 -28.92 10.10 -4.80
N ASN A 292 -25.68 10.04 -3.38
CA ASN A 292 -24.83 11.12 -2.91
C ASN A 292 -24.54 12.13 -4.04
N GLY A 293 -23.34 12.01 -4.62
CA GLY A 293 -22.90 12.94 -5.65
C GLY A 293 -21.39 13.04 -5.65
N SER A 294 -20.81 13.08 -4.46
CA SER A 294 -19.36 13.00 -4.30
C SER A 294 -18.90 11.61 -4.72
N GLU A 295 -19.77 10.63 -4.51
CA GLU A 295 -19.49 9.24 -4.88
C GLU A 295 -19.38 9.05 -6.39
N GLU A 296 -20.24 9.74 -7.15
CA GLU A 296 -20.18 9.61 -8.59
C GLU A 296 -18.93 10.34 -9.10
N GLU A 297 -18.57 11.42 -8.44
CA GLU A 297 -17.39 12.19 -8.82
C GLU A 297 -16.14 11.34 -8.66
N VAL A 298 -16.05 10.69 -7.50
CA VAL A 298 -14.92 9.81 -7.18
C VAL A 298 -14.90 8.60 -8.12
N ALA A 299 -16.07 8.05 -8.38
CA ALA A 299 -16.18 6.92 -9.29
C ALA A 299 -15.64 7.27 -10.67
N GLN A 300 -15.96 8.48 -11.13
CA GLN A 300 -15.50 8.93 -12.44
C GLN A 300 -14.00 9.16 -12.44
N LEU A 301 -13.48 9.71 -11.36
CA LEU A 301 -12.03 9.91 -11.23
C LEU A 301 -11.28 8.60 -11.42
N MET A 302 -11.74 7.55 -10.75
CA MET A 302 -11.09 6.25 -10.82
C MET A 302 -11.09 5.69 -12.23
N LYS A 303 -12.17 5.89 -12.96
CA LYS A 303 -12.26 5.41 -14.34
C LYS A 303 -11.39 6.25 -15.27
N THR A 304 -11.33 7.56 -15.01
CA THR A 304 -10.48 8.46 -15.77
C THR A 304 -9.01 8.09 -15.61
N TRP A 305 -8.60 7.89 -14.36
CA TRP A 305 -7.22 7.51 -14.10
C TRP A 305 -6.86 6.16 -14.72
N ARG A 306 -7.71 5.16 -14.56
CA ARG A 306 -7.45 3.86 -15.13
C ARG A 306 -7.33 3.99 -16.66
N GLY A 307 -8.26 4.72 -17.27
CA GLY A 307 -8.25 4.94 -18.71
C GLY A 307 -6.96 5.58 -19.21
N ALA A 308 -6.39 6.46 -18.39
CA ALA A 308 -5.17 7.16 -18.76
C ALA A 308 -3.91 6.31 -18.57
N TYR A 309 -3.93 5.40 -17.59
CA TYR A 309 -2.71 4.64 -17.31
C TYR A 309 -2.55 3.46 -18.27
N VAL A 310 -1.37 3.36 -18.87
CA VAL A 310 -1.07 2.24 -19.74
C VAL A 310 -0.50 1.08 -18.90
N GLY A 311 -1.35 0.13 -18.58
CA GLY A 311 -0.91 -1.01 -17.78
C GLY A 311 -1.98 -1.52 -16.83
N THR A 312 -1.51 -2.32 -15.87
CA THR A 312 -2.38 -2.99 -14.91
C THR A 312 -2.83 -2.01 -13.83
N PHE A 313 -4.13 -2.05 -13.52
CA PHE A 313 -4.73 -1.13 -12.57
C PHE A 313 -5.39 -1.91 -11.45
N ILE A 314 -4.95 -1.63 -10.22
CA ILE A 314 -5.59 -2.18 -9.02
C ILE A 314 -6.41 -1.11 -8.33
N CYS A 315 -7.69 -1.40 -8.10
CA CYS A 315 -8.50 -0.49 -7.32
C CYS A 315 -8.71 -1.03 -5.90
N CYS A 316 -8.91 -0.12 -4.96
CA CYS A 316 -9.15 -0.49 -3.58
C CYS A 316 -9.91 0.60 -2.86
N GLY A 317 -10.64 0.22 -1.83
CA GLY A 317 -11.31 1.17 -0.99
C GLY A 317 -12.81 0.99 -1.02
N GLY A 318 -13.33 0.26 -0.03
CA GLY A 318 -14.76 0.05 0.10
C GLY A 318 -15.36 -0.92 -0.89
N TYR A 319 -14.54 -1.70 -1.59
CA TYR A 319 -15.08 -2.64 -2.55
C TYR A 319 -15.73 -3.82 -1.83
N THR A 320 -16.95 -4.12 -2.27
CA THR A 320 -17.71 -5.25 -1.82
C THR A 320 -17.55 -6.34 -2.85
N ARG A 321 -18.10 -7.52 -2.58
CA ARG A 321 -18.11 -8.58 -3.57
C ARG A 321 -18.75 -8.10 -4.87
N GLU A 322 -19.90 -7.44 -4.76
CA GLU A 322 -20.62 -7.02 -5.96
C GLU A 322 -19.87 -5.94 -6.73
N LEU A 323 -19.33 -4.96 -6.01
CA LEU A 323 -18.60 -3.87 -6.65
C LEU A 323 -17.29 -4.35 -7.26
N GLY A 324 -16.67 -5.36 -6.63
CA GLY A 324 -15.48 -5.98 -7.20
C GLY A 324 -15.78 -6.73 -8.49
N LEU A 325 -16.87 -7.50 -8.48
CA LEU A 325 -17.31 -8.18 -9.71
C LEU A 325 -17.53 -7.17 -10.83
N GLN A 326 -18.20 -6.07 -10.51
CA GLN A 326 -18.55 -5.05 -11.49
C GLN A 326 -17.31 -4.33 -12.00
N ALA A 327 -16.38 -4.04 -11.11
CA ALA A 327 -15.17 -3.31 -11.51
C ALA A 327 -14.39 -4.08 -12.58
N VAL A 328 -14.26 -5.38 -12.40
CA VAL A 328 -13.52 -6.18 -13.39
C VAL A 328 -14.36 -6.41 -14.65
N ALA A 329 -15.65 -6.73 -14.47
CA ALA A 329 -16.50 -7.04 -15.61
C ALA A 329 -16.69 -5.84 -16.54
N GLN A 330 -16.77 -4.64 -15.97
CA GLN A 330 -16.98 -3.41 -16.72
CA GLN A 330 -16.99 -3.45 -16.79
C GLN A 330 -15.68 -2.80 -17.24
N GLY A 331 -14.56 -3.45 -16.88
CA GLY A 331 -13.26 -2.99 -17.33
C GLY A 331 -12.69 -1.79 -16.57
N ASP A 332 -13.23 -1.50 -15.40
CA ASP A 332 -12.78 -0.38 -14.59
C ASP A 332 -11.46 -0.64 -13.88
N ALA A 333 -11.11 -1.91 -13.73
CA ALA A 333 -9.87 -2.32 -13.08
C ALA A 333 -9.52 -3.73 -13.48
N ASP A 334 -8.25 -4.09 -13.35
CA ASP A 334 -7.81 -5.44 -13.65
C ASP A 334 -7.82 -6.30 -12.39
N LEU A 335 -7.51 -5.66 -11.27
CA LEU A 335 -7.40 -6.34 -9.97
C LEU A 335 -8.13 -5.54 -8.92
N VAL A 336 -8.70 -6.20 -7.93
CA VAL A 336 -9.43 -5.52 -6.86
C VAL A 336 -8.82 -5.93 -5.55
N ALA A 337 -8.35 -4.95 -4.79
CA ALA A 337 -7.78 -5.27 -3.47
C ALA A 337 -8.81 -5.04 -2.38
N PHE A 338 -8.68 -5.85 -1.33
CA PHE A 338 -9.52 -5.78 -0.14
C PHE A 338 -8.66 -5.68 1.12
N GLY A 339 -9.01 -4.71 1.98
CA GLY A 339 -8.29 -4.48 3.22
C GLY A 339 -9.00 -5.06 4.42
N ARG A 340 -9.97 -4.33 4.96
CA ARG A 340 -10.62 -4.74 6.20
C ARG A 340 -11.22 -6.15 6.15
N TYR A 341 -11.84 -6.52 5.03
CA TYR A 341 -12.40 -7.88 4.93
C TYR A 341 -11.32 -8.95 5.05
N PHE A 342 -10.12 -8.65 4.59
CA PHE A 342 -9.04 -9.62 4.67
C PHE A 342 -8.46 -9.74 6.08
N VAL A 343 -8.63 -8.71 6.92
CA VAL A 343 -8.28 -8.83 8.33
C VAL A 343 -8.99 -10.03 8.96
N SER A 344 -10.31 -10.11 8.75
CA SER A 344 -11.13 -11.07 9.47
C SER A 344 -11.49 -12.33 8.67
N ASN A 345 -11.12 -12.35 7.40
CA ASN A 345 -11.42 -13.48 6.54
C ASN A 345 -10.18 -14.02 5.83
N PRO A 346 -9.49 -14.95 6.49
CA PRO A 346 -8.24 -15.46 5.91
C PRO A 346 -8.53 -16.09 4.55
N ASP A 347 -9.65 -16.79 4.42
CA ASP A 347 -10.03 -17.41 3.16
C ASP A 347 -11.01 -16.52 2.40
N LEU A 348 -10.69 -15.23 2.34
CA LEU A 348 -11.59 -14.29 1.65
C LEU A 348 -11.81 -14.68 0.19
N VAL A 349 -10.78 -15.17 -0.50
CA VAL A 349 -10.96 -15.53 -1.91
C VAL A 349 -12.04 -16.60 -2.06
N LEU A 350 -11.94 -17.67 -1.28
CA LEU A 350 -12.96 -18.72 -1.31
C LEU A 350 -14.33 -18.20 -0.92
N ARG A 351 -14.38 -17.36 0.12
CA ARG A 351 -15.66 -16.81 0.53
C ARG A 351 -16.29 -15.96 -0.57
N LEU A 352 -15.49 -15.19 -1.30
CA LEU A 352 -16.04 -14.42 -2.41
C LEU A 352 -16.53 -15.33 -3.54
N LYS A 353 -15.75 -16.36 -3.85
CA LYS A 353 -16.16 -17.32 -4.89
C LYS A 353 -17.49 -18.00 -4.54
N LEU A 354 -17.71 -18.29 -3.25
CA LEU A 354 -18.95 -18.95 -2.84
C LEU A 354 -20.07 -18.00 -2.43
N ASN A 355 -19.80 -16.68 -2.47
CA ASN A 355 -20.71 -15.69 -1.89
C ASN A 355 -21.14 -16.10 -0.48
N ALA A 356 -20.13 -16.50 0.31
CA ALA A 356 -20.36 -16.88 1.70
C ALA A 356 -20.35 -15.66 2.62
N PRO A 357 -20.94 -15.79 3.82
CA PRO A 357 -20.88 -14.70 4.78
C PRO A 357 -19.42 -14.34 5.10
N LEU A 358 -19.21 -13.07 5.43
CA LEU A 358 -17.89 -12.59 5.82
C LEU A 358 -17.86 -12.37 7.33
N ASN A 359 -16.79 -12.82 7.97
CA ASN A 359 -16.57 -12.56 9.39
C ASN A 359 -16.48 -11.06 9.64
N ARG A 360 -17.07 -10.61 10.74
CA ARG A 360 -16.90 -9.23 11.18
C ARG A 360 -15.46 -9.04 11.61
N TYR A 361 -14.90 -7.87 11.29
CA TYR A 361 -13.57 -7.55 11.78
C TYR A 361 -13.63 -6.69 13.03
N ASP A 362 -12.66 -6.91 13.91
CA ASP A 362 -12.58 -6.19 15.17
C ASP A 362 -11.50 -5.11 15.09
N ARG A 363 -11.93 -3.87 14.96
CA ARG A 363 -11.02 -2.74 14.86
C ARG A 363 -10.14 -2.59 16.10
N ALA A 364 -10.59 -3.13 17.24
CA ALA A 364 -9.83 -2.99 18.48
C ALA A 364 -8.52 -3.75 18.46
N THR A 365 -8.39 -4.72 17.55
CA THR A 365 -7.16 -5.51 17.47
C THR A 365 -6.49 -5.33 16.11
N PHE A 366 -6.81 -4.22 15.43
CA PHE A 366 -6.08 -3.88 14.20
C PHE A 366 -4.59 -3.70 14.50
N TYR A 367 -4.27 -3.00 15.60
CA TYR A 367 -2.92 -2.50 15.84
C TYR A 367 -2.34 -2.92 17.19
N THR A 368 -2.98 -3.88 17.83
CA THR A 368 -2.40 -4.53 19.01
C THR A 368 -1.29 -5.46 18.56
N HIS A 369 -0.60 -6.09 19.51
CA HIS A 369 0.65 -6.75 19.14
C HIS A 369 0.66 -8.27 19.38
N ASP A 370 -0.47 -8.86 19.74
CA ASP A 370 -0.49 -10.28 20.02
CA ASP A 370 -0.51 -10.32 20.02
C ASP A 370 -0.36 -11.10 18.73
N PRO A 371 0.45 -12.16 18.77
CA PRO A 371 0.67 -12.97 17.56
C PRO A 371 -0.56 -13.78 17.13
N VAL A 372 -1.43 -14.08 18.08
CA VAL A 372 -2.63 -14.87 17.82
C VAL A 372 -3.89 -14.01 17.85
N VAL A 373 -4.15 -13.39 19.00
CA VAL A 373 -5.42 -12.75 19.25
C VAL A 373 -5.71 -11.58 18.30
N GLY A 374 -6.79 -11.75 17.53
CA GLY A 374 -7.20 -10.74 16.55
C GLY A 374 -6.28 -10.66 15.34
N TYR A 375 -5.40 -11.65 15.18
CA TYR A 375 -4.45 -11.63 14.09
C TYR A 375 -4.52 -12.92 13.25
N THR A 376 -4.18 -14.05 13.87
CA THR A 376 -4.19 -15.34 13.15
C THR A 376 -5.35 -16.23 13.59
N ASP A 377 -6.22 -15.73 14.47
CA ASP A 377 -7.29 -16.59 15.00
C ASP A 377 -8.70 -16.33 14.46
N TYR A 378 -8.82 -15.56 13.36
CA TYR A 378 -10.09 -15.50 12.65
C TYR A 378 -10.27 -16.80 11.88
N PRO A 379 -11.48 -17.38 11.91
CA PRO A 379 -11.68 -18.70 11.31
C PRO A 379 -11.90 -18.70 9.81
N SER A 380 -11.37 -19.72 9.15
CA SER A 380 -11.72 -20.03 7.78
C SER A 380 -13.02 -20.83 7.77
N LEU A 381 -13.65 -20.92 6.60
CA LEU A 381 -14.80 -21.82 6.46
C LEU A 381 -14.38 -23.23 6.80
N ASP A 382 -15.29 -23.98 7.41
CA ASP A 382 -15.01 -25.36 7.78
C ASP A 382 -14.83 -26.23 6.54
N LYS A 383 -13.61 -26.77 6.36
CA LYS A 383 -13.28 -27.59 5.20
C LYS A 383 -13.63 -29.06 5.42
N GLY A 384 -13.90 -29.41 6.68
CA GLY A 384 -14.20 -30.78 7.03
C GLY A 384 -13.01 -31.71 6.88
N SER A 385 -13.29 -33.00 6.84
CA SER A 385 -12.25 -34.02 6.66
C SER A 385 -12.58 -34.92 5.48
N LEU A 386 -11.77 -34.84 4.43
CA LEU A 386 -12.07 -35.55 3.18
C LEU A 386 -11.81 -37.05 3.30
N1 FMN B . -2.66 0.99 3.18
C2 FMN B . -1.34 1.03 2.80
O2 FMN B . -1.05 1.49 1.70
N3 FMN B . -0.35 0.56 3.64
C4 FMN B . -0.65 0.05 4.87
O4 FMN B . 0.25 -0.38 5.60
C4A FMN B . -1.99 0.01 5.27
N5 FMN B . -2.34 -0.49 6.51
C5A FMN B . -3.67 -0.54 6.87
C6 FMN B . -4.00 -1.07 8.11
C7 FMN B . -5.32 -1.15 8.51
C7M FMN B . -5.61 -1.73 9.87
C8 FMN B . -6.32 -0.68 7.67
C8M FMN B . -7.76 -0.73 8.08
C9 FMN B . -5.99 -0.15 6.43
C9A FMN B . -4.66 -0.09 6.03
N10 FMN B . -4.32 0.45 4.80
C10 FMN B . -2.99 0.49 4.42
C1' FMN B . -5.36 0.91 3.83
C2' FMN B . -5.88 -0.37 3.14
O2' FMN B . -4.88 -0.94 2.31
C3' FMN B . -7.12 -0.17 2.27
O3' FMN B . -6.81 0.70 1.21
C4' FMN B . -8.28 0.42 3.07
O4' FMN B . -8.52 -0.36 4.22
C5' FMN B . -9.55 0.50 2.23
O5' FMN B . -9.86 -0.74 1.64
P FMN B . -11.02 -1.65 2.32
O1P FMN B . -12.32 -0.90 2.16
O2P FMN B . -11.04 -2.93 1.53
O3P FMN B . -10.67 -1.88 3.77
C1 DIN C . -3.35 2.93 7.59
C2 DIN C . -4.64 2.90 8.10
C3 DIN C . -5.69 3.33 7.32
C4 DIN C . -5.48 3.79 6.04
C5 DIN C . -4.20 3.82 5.51
C6 DIN C . -1.83 3.40 5.79
C7 DIN C . -1.00 2.52 7.86
C8 DIN C . -2.29 2.49 8.37
O1 DIN C . -1.58 3.86 4.49
O2 DIN C . -7.01 3.30 7.85
C9 DIN C . -0.77 2.96 6.59
C10 DIN C . -3.14 3.39 6.29
#